data_3TO9
#
_entry.id   3TO9
#
_cell.length_a   182.470
_cell.length_b   182.470
_cell.length_c   182.470
_cell.angle_alpha   90.00
_cell.angle_beta   90.00
_cell.angle_gamma   90.00
#
_symmetry.space_group_name_H-M   'I 41 3 2'
#
loop_
_entity.id
_entity.type
_entity.pdbx_description
1 polymer 'Histone acetyltransferase ESA1'
2 non-polymer 'COENZYME A'
3 non-polymer 1,2-ETHANEDIOL
4 non-polymer 'SULFATE ION'
5 non-polymer 'CACODYLIC ACID'
6 water water
#
_entity_poly.entity_id   1
_entity_poly.type   'polypeptide(L)'
_entity_poly.pdbx_seq_one_letter_code
;EVARVRNLNRIIMGKYEIEPWYFSPYPIELTDEDFIYIDDFTLQYFGSKKQYERYRKKCTLRHPPGNEIYRDDYVSFFEI
DGRKQRTWCRNLCLLSKLFLDH(ALY)TLYYDVDPFLFYCMTRRDELGHHLVGYFSKEKESADGYNVACILTLPQYQRMG
YGKLLIEFSYELSKKENKVGSPQKPLSDLGLLSYRAYWSDTLITLLVEHQKEITIDEISSMTSMTTTDILHTAKTLNILR
YYKGQHIIFLNEDILDRYNRLKAKKRRTIDPNRLIWKPPV
;
_entity_poly.pdbx_strand_id   A
#
loop_
_chem_comp.id
_chem_comp.type
_chem_comp.name
_chem_comp.formula
CAD non-polymer 'CACODYLIC ACID' 'C2 H7 As O2'
COA non-polymer 'COENZYME A' 'C21 H36 N7 O16 P3 S'
EDO non-polymer 1,2-ETHANEDIOL 'C2 H6 O2'
SO4 non-polymer 'SULFATE ION' 'O4 S -2'
#
# COMPACT_ATOMS: atom_id res chain seq x y z
N GLU A 1 -15.94 39.85 -20.59
CA GLU A 1 -14.98 39.16 -19.73
C GLU A 1 -15.64 37.98 -19.02
N VAL A 2 -15.10 36.79 -19.21
CA VAL A 2 -15.51 35.65 -18.38
C VAL A 2 -14.30 35.19 -17.58
N ALA A 3 -14.35 35.35 -16.26
CA ALA A 3 -13.25 34.90 -15.43
C ALA A 3 -13.53 33.49 -14.94
N ARG A 4 -12.79 32.52 -15.45
CA ARG A 4 -13.01 31.14 -15.08
C ARG A 4 -12.23 30.74 -13.83
N VAL A 5 -12.91 30.09 -12.91
CA VAL A 5 -12.28 29.60 -11.68
C VAL A 5 -12.46 28.09 -11.70
N ARG A 6 -11.38 27.38 -12.04
CA ARG A 6 -11.48 25.96 -12.28
C ARG A 6 -11.00 25.13 -11.11
N ASN A 7 -11.53 23.92 -11.06
CA ASN A 7 -11.05 22.86 -10.20
C ASN A 7 -9.75 22.28 -10.74
N LEU A 8 -8.97 21.65 -9.88
CA LEU A 8 -7.86 20.84 -10.35
C LEU A 8 -8.44 19.61 -11.05
N ASN A 9 -8.30 19.54 -12.38
CA ASN A 9 -8.95 18.46 -13.13
C ASN A 9 -7.95 17.45 -13.67
N ARG A 10 -6.66 17.79 -13.61
CA ARG A 10 -5.63 16.85 -14.01
C ARG A 10 -4.29 17.16 -13.39
N ILE A 11 -3.64 16.12 -12.89
CA ILE A 11 -2.28 16.27 -12.38
C ILE A 11 -1.35 15.60 -13.38
N ILE A 12 -0.24 16.29 -13.67
CA ILE A 12 0.71 15.84 -14.66
C ILE A 12 1.91 15.28 -13.91
N MET A 13 2.10 13.97 -14.03
CA MET A 13 3.11 13.27 -13.25
C MET A 13 3.94 12.44 -14.21
N GLY A 14 5.12 12.93 -14.57
CA GLY A 14 5.90 12.28 -15.61
C GLY A 14 5.13 12.31 -16.91
N LYS A 15 5.06 11.19 -17.61
CA LYS A 15 4.30 11.14 -18.85
C LYS A 15 2.78 11.05 -18.63
N TYR A 16 2.36 10.86 -17.38
CA TYR A 16 0.94 10.60 -17.09
C TYR A 16 0.17 11.88 -16.78
N GLU A 17 -1.04 11.95 -17.29
CA GLU A 17 -2.01 13.00 -16.91
C GLU A 17 -3.16 12.30 -16.22
N ILE A 18 -3.28 12.48 -14.90
CA ILE A 18 -4.24 11.72 -14.12
C ILE A 18 -5.40 12.60 -13.64
N GLU A 19 -6.64 12.11 -13.77
CA GLU A 19 -7.78 12.83 -13.23
C GLU A 19 -8.01 12.45 -11.77
N PRO A 20 -8.08 13.46 -10.89
CA PRO A 20 -8.41 13.22 -9.47
C PRO A 20 -9.77 12.55 -9.32
N TRP A 21 -9.94 11.75 -8.28
CA TRP A 21 -11.24 11.15 -7.98
C TRP A 21 -11.98 12.06 -7.02
N TYR A 22 -11.21 12.71 -6.15
CA TYR A 22 -11.75 13.57 -5.11
C TYR A 22 -10.93 14.84 -4.97
N PHE A 23 -11.53 15.86 -4.38
CA PHE A 23 -10.85 17.09 -4.05
C PHE A 23 -9.72 16.87 -3.05
N SER A 24 -8.61 17.56 -3.26
CA SER A 24 -7.51 17.56 -2.31
C SER A 24 -7.09 19.00 -2.09
N PRO A 25 -6.79 19.35 -0.82
CA PRO A 25 -6.59 20.77 -0.48
C PRO A 25 -5.19 21.28 -0.78
N TYR A 26 -4.73 21.14 -2.03
CA TYR A 26 -3.45 21.74 -2.39
C TYR A 26 -3.52 23.24 -2.12
N PRO A 27 -2.50 23.80 -1.44
CA PRO A 27 -2.52 25.22 -1.11
C PRO A 27 -2.07 26.05 -2.30
N ILE A 28 -2.88 26.04 -3.35
CA ILE A 28 -2.55 26.76 -4.58
C ILE A 28 -3.76 27.59 -5.00
N GLU A 29 -3.51 28.62 -5.80
CA GLU A 29 -4.60 29.48 -6.23
C GLU A 29 -5.42 28.81 -7.33
N LEU A 30 -6.75 28.92 -7.24
CA LEU A 30 -7.63 28.42 -8.29
C LEU A 30 -7.73 29.45 -9.41
N THR A 31 -7.47 29.03 -10.64
CA THR A 31 -7.43 29.97 -11.75
C THR A 31 -8.19 29.41 -12.93
N ASP A 32 -7.91 29.94 -14.11
CA ASP A 32 -8.59 29.51 -15.31
C ASP A 32 -7.97 28.24 -15.88
N GLU A 33 -6.85 27.82 -15.32
CA GLU A 33 -6.17 26.59 -15.72
C GLU A 33 -6.53 25.46 -14.75
N ASP A 34 -6.58 24.23 -15.25
CA ASP A 34 -7.10 23.13 -14.44
C ASP A 34 -6.09 22.01 -14.18
N PHE A 35 -4.80 22.35 -14.21
CA PHE A 35 -3.73 21.35 -14.07
C PHE A 35 -2.68 21.80 -13.06
N ILE A 36 -1.96 20.82 -12.48
CA ILE A 36 -0.72 21.08 -11.78
C ILE A 36 0.30 20.00 -12.14
N TYR A 37 1.57 20.32 -11.95
CA TYR A 37 2.65 19.39 -12.20
C TYR A 37 3.08 18.80 -10.87
N ILE A 38 3.23 17.48 -10.83
CA ILE A 38 3.72 16.81 -9.63
C ILE A 38 5.05 16.16 -9.99
N ASP A 39 6.13 16.60 -9.35
CA ASP A 39 7.43 16.01 -9.64
C ASP A 39 7.40 14.54 -9.17
N ASP A 40 7.77 13.61 -10.03
CA ASP A 40 7.61 12.20 -9.64
C ASP A 40 8.66 11.69 -8.65
N PHE A 41 9.61 12.53 -8.27
CA PHE A 41 10.59 12.16 -7.24
C PHE A 41 10.34 12.87 -5.92
N THR A 42 10.15 14.19 -5.98
CA THR A 42 9.96 15.01 -4.78
C THR A 42 8.48 15.11 -4.41
N LEU A 43 7.61 14.81 -5.36
CA LEU A 43 6.15 14.94 -5.19
C LEU A 43 5.71 16.40 -5.04
N GLN A 44 6.62 17.33 -5.25
CA GLN A 44 6.30 18.75 -5.17
C GLN A 44 5.34 19.14 -6.30
N TYR A 45 4.41 20.04 -6.00
CA TYR A 45 3.43 20.51 -6.98
C TYR A 45 3.81 21.88 -7.53
N PHE A 46 3.49 22.11 -8.81
CA PHE A 46 3.77 23.37 -9.46
C PHE A 46 2.61 23.78 -10.33
N GLY A 47 2.19 25.04 -10.23
CA GLY A 47 1.18 25.55 -11.12
C GLY A 47 1.72 25.83 -12.51
N SER A 48 3.04 25.83 -12.63
CA SER A 48 3.68 26.28 -13.85
C SER A 48 4.71 25.29 -14.41
N LYS A 49 4.56 24.95 -15.69
CA LYS A 49 5.49 24.03 -16.33
C LYS A 49 6.93 24.55 -16.25
N LYS A 50 7.10 25.86 -16.28
CA LYS A 50 8.44 26.45 -16.27
C LYS A 50 9.05 26.34 -14.88
N GLN A 51 8.25 26.59 -13.86
CA GLN A 51 8.69 26.45 -12.48
C GLN A 51 9.06 24.99 -12.23
N TYR A 52 8.23 24.08 -12.75
CA TYR A 52 8.47 22.65 -12.56
C TYR A 52 9.79 22.22 -13.17
N GLU A 53 10.08 22.69 -14.38
CA GLU A 53 11.33 22.35 -15.08
C GLU A 53 12.54 22.96 -14.37
N ARG A 54 12.40 24.20 -13.91
CA ARG A 54 13.47 24.86 -13.17
C ARG A 54 13.93 23.99 -12.00
N TYR A 55 12.98 23.43 -11.26
CA TYR A 55 13.31 22.60 -10.10
C TYR A 55 13.71 21.18 -10.48
N ARG A 56 13.21 20.72 -11.63
CA ARG A 56 13.51 19.38 -12.12
C ARG A 56 15.00 19.20 -12.39
N LYS A 57 15.65 20.27 -12.83
CA LYS A 57 17.06 20.23 -13.21
C LYS A 57 18.00 20.27 -12.01
N LYS A 58 17.45 20.51 -10.82
CA LYS A 58 18.22 20.46 -9.59
C LYS A 58 18.66 19.03 -9.28
N CYS A 59 19.82 18.91 -8.64
CA CYS A 59 20.31 17.61 -8.26
C CYS A 59 19.50 17.11 -7.07
N THR A 60 18.70 16.08 -7.30
CA THR A 60 17.98 15.42 -6.22
C THR A 60 18.15 13.91 -6.35
N LEU A 61 17.99 13.19 -5.25
CA LEU A 61 17.99 11.73 -5.29
C LEU A 61 16.76 11.25 -6.06
N ARG A 62 16.87 10.14 -6.74
CA ARG A 62 15.80 9.68 -7.60
C ARG A 62 15.06 8.52 -6.98
N HIS A 63 14.79 8.64 -5.68
CA HIS A 63 13.94 7.71 -4.93
C HIS A 63 13.42 8.36 -3.68
N PRO A 64 12.43 7.77 -3.01
CA PRO A 64 11.87 8.31 -1.76
C PRO A 64 12.92 8.51 -0.66
N PRO A 65 12.72 9.50 0.22
CA PRO A 65 13.70 9.91 1.23
C PRO A 65 13.64 9.13 2.54
N GLY A 66 14.09 7.89 2.52
CA GLY A 66 14.19 7.11 3.74
C GLY A 66 15.13 5.95 3.52
N ASN A 67 15.21 5.09 4.52
CA ASN A 67 16.02 3.89 4.43
C ASN A 67 15.38 2.82 3.55
N GLU A 68 16.20 2.22 2.68
CA GLU A 68 15.73 1.14 1.82
C GLU A 68 15.80 -0.14 2.63
N ILE A 69 14.66 -0.60 3.14
CA ILE A 69 14.66 -1.74 4.05
C ILE A 69 14.32 -3.06 3.35
N TYR A 70 14.05 -2.99 2.05
CA TYR A 70 13.75 -4.18 1.26
C TYR A 70 14.14 -3.87 -0.16
N ARG A 71 14.85 -4.79 -0.80
CA ARG A 71 15.21 -4.64 -2.19
C ARG A 71 15.31 -6.00 -2.86
N ASP A 72 14.40 -6.30 -3.78
CA ASP A 72 14.57 -7.48 -4.61
C ASP A 72 14.71 -7.05 -6.09
N ASP A 73 14.73 -7.99 -7.03
CA ASP A 73 14.97 -7.64 -8.42
CA ASP A 73 14.97 -7.64 -8.42
C ASP A 73 13.80 -6.89 -9.06
N TYR A 74 12.69 -6.83 -8.35
CA TYR A 74 11.46 -6.21 -8.86
C TYR A 74 11.17 -4.85 -8.18
N VAL A 75 11.13 -4.84 -6.85
CA VAL A 75 10.77 -3.62 -6.11
C VAL A 75 11.73 -3.30 -4.95
N SER A 76 11.69 -2.06 -4.49
CA SER A 76 12.29 -1.65 -3.24
C SER A 76 11.19 -1.09 -2.32
N PHE A 77 11.41 -1.18 -1.00
CA PHE A 77 10.55 -0.44 -0.06
C PHE A 77 11.41 0.50 0.75
N PHE A 78 10.94 1.73 0.88
CA PHE A 78 11.60 2.73 1.71
C PHE A 78 10.73 3.04 2.93
N GLU A 79 11.37 3.06 4.10
CA GLU A 79 10.69 3.44 5.34
C GLU A 79 10.99 4.90 5.65
N ILE A 80 9.95 5.71 5.67
CA ILE A 80 10.07 7.15 5.87
C ILE A 80 9.38 7.57 7.17
N ASP A 81 10.12 8.25 8.04
CA ASP A 81 9.57 8.83 9.27
C ASP A 81 8.93 10.17 8.90
N GLY A 82 7.61 10.29 9.09
CA GLY A 82 6.91 11.52 8.76
C GLY A 82 7.53 12.75 9.39
N ARG A 83 8.00 12.62 10.63
CA ARG A 83 8.58 13.76 11.34
C ARG A 83 9.93 14.19 10.74
N LYS A 84 10.65 13.24 10.13
CA LYS A 84 11.96 13.51 9.56
C LYS A 84 11.90 13.98 8.10
N GLN A 85 10.76 13.77 7.44
CA GLN A 85 10.62 14.20 6.06
C GLN A 85 9.26 14.86 5.88
N ARG A 86 9.06 15.93 6.64
CA ARG A 86 7.75 16.57 6.69
C ARG A 86 7.27 17.02 5.33
N THR A 87 8.08 17.80 4.61
CA THR A 87 7.64 18.30 3.30
C THR A 87 7.25 17.17 2.36
N TRP A 88 8.11 16.17 2.24
CA TRP A 88 7.88 15.09 1.26
C TRP A 88 6.61 14.31 1.60
N CYS A 89 6.43 14.00 2.88
CA CYS A 89 5.26 13.24 3.31
C CYS A 89 3.97 14.05 3.18
N ARG A 90 4.05 15.36 3.46
CA ARG A 90 2.88 16.22 3.23
C ARG A 90 2.49 16.21 1.77
N ASN A 91 3.50 16.28 0.91
CA ASN A 91 3.28 16.20 -0.52
C ASN A 91 2.66 14.86 -0.91
N LEU A 92 3.14 13.78 -0.29
CA LEU A 92 2.57 12.45 -0.54
C LEU A 92 1.10 12.36 -0.09
N CYS A 93 0.78 12.95 1.06
CA CYS A 93 -0.60 12.93 1.55
C CYS A 93 -1.57 13.78 0.72
N LEU A 94 -1.12 14.92 0.19
CA LEU A 94 -1.95 15.70 -0.71
C LEU A 94 -2.27 14.88 -1.96
N LEU A 95 -1.26 14.19 -2.47
CA LEU A 95 -1.42 13.39 -3.68
C LEU A 95 -2.37 12.24 -3.39
N SER A 96 -2.18 11.60 -2.24
CA SER A 96 -3.00 10.44 -1.87
C SER A 96 -4.48 10.86 -1.74
N LYS A 97 -4.72 12.06 -1.21
CA LYS A 97 -6.09 12.55 -0.98
C LYS A 97 -6.91 12.68 -2.26
N LEU A 98 -6.24 12.87 -3.40
CA LEU A 98 -6.95 12.95 -4.67
C LEU A 98 -7.68 11.65 -4.98
N PHE A 99 -7.32 10.58 -4.28
CA PHE A 99 -7.85 9.26 -4.61
C PHE A 99 -8.52 8.58 -3.42
N LEU A 100 -8.85 9.39 -2.42
CA LEU A 100 -9.53 8.94 -1.20
C LEU A 100 -10.72 9.85 -0.89
N ASP A 101 -11.83 9.24 -0.47
CA ASP A 101 -12.98 10.04 -0.06
C ASP A 101 -12.64 10.89 1.18
N HIS A 102 -11.85 10.33 2.09
CA HIS A 102 -11.42 11.05 3.29
C HIS A 102 -9.98 10.70 3.65
OH ALY A 103 -1.77 8.03 4.44
CH ALY A 103 -1.98 9.07 5.06
CH3 ALY A 103 -1.42 9.32 6.44
NZ ALY A 103 -2.73 10.05 4.57
CE ALY A 103 -3.32 10.00 3.24
CD ALY A 103 -4.47 11.01 3.07
CG ALY A 103 -5.55 10.81 4.13
CB ALY A 103 -6.86 11.52 3.74
CA ALY A 103 -7.95 11.37 4.79
N ALY A 103 -9.27 11.65 4.24
C ALY A 103 -7.72 12.37 5.91
O ALY A 103 -8.13 13.52 5.81
N THR A 104 -7.06 11.92 6.98
CA THR A 104 -6.72 12.85 8.08
C THR A 104 -5.92 14.03 7.52
N LEU A 105 -5.97 15.15 8.23
CA LEU A 105 -5.30 16.40 7.82
C LEU A 105 -3.92 16.14 7.22
N TYR A 106 -3.70 16.53 5.97
CA TYR A 106 -2.48 16.14 5.26
C TYR A 106 -1.23 16.71 5.92
N TYR A 107 -1.40 17.84 6.59
CA TYR A 107 -0.27 18.58 7.16
C TYR A 107 0.42 17.86 8.32
N ASP A 108 -0.34 17.10 9.10
CA ASP A 108 0.18 16.52 10.33
C ASP A 108 0.73 15.10 10.08
N VAL A 109 2.00 15.01 9.67
CA VAL A 109 2.61 13.73 9.27
C VAL A 109 3.46 13.05 10.36
N ASP A 110 3.78 13.79 11.41
CA ASP A 110 4.63 13.29 12.49
C ASP A 110 4.21 11.95 13.09
N PRO A 111 2.90 11.68 13.22
CA PRO A 111 2.53 10.42 13.86
C PRO A 111 2.68 9.18 12.97
N PHE A 112 3.10 9.34 11.71
CA PHE A 112 3.10 8.23 10.77
C PHE A 112 4.48 7.80 10.29
N LEU A 113 4.58 6.50 10.01
CA LEU A 113 5.66 5.95 9.18
C LEU A 113 5.05 5.71 7.81
N PHE A 114 5.82 5.98 6.76
CA PHE A 114 5.35 5.72 5.41
C PHE A 114 6.25 4.66 4.77
N TYR A 115 5.63 3.62 4.22
CA TYR A 115 6.37 2.58 3.52
C TYR A 115 6.08 2.67 2.04
N CYS A 116 7.05 3.20 1.32
CA CYS A 116 6.87 3.56 -0.07
C CYS A 116 7.53 2.56 -1.01
N MET A 117 6.75 2.04 -1.96
CA MET A 117 7.25 0.99 -2.83
C MET A 117 7.58 1.56 -4.21
N THR A 118 8.77 1.22 -4.71
CA THR A 118 9.18 1.66 -6.03
C THR A 118 9.44 0.47 -6.94
N ARG A 119 9.21 0.66 -8.23
CA ARG A 119 9.69 -0.28 -9.24
C ARG A 119 10.99 0.25 -9.79
N ARG A 120 11.96 -0.63 -9.98
CA ARG A 120 13.22 -0.25 -10.57
C ARG A 120 13.37 -0.91 -11.93
N ASP A 121 13.82 -0.12 -12.89
CA ASP A 121 14.13 -0.62 -14.22
C ASP A 121 15.27 0.21 -14.81
N GLU A 122 15.47 0.11 -16.12
CA GLU A 122 16.61 0.77 -16.77
C GLU A 122 16.65 2.27 -16.46
N LEU A 123 15.49 2.82 -16.12
CA LEU A 123 15.36 4.25 -15.83
C LEU A 123 15.47 4.60 -14.34
N GLY A 124 15.69 3.60 -13.49
CA GLY A 124 15.79 3.84 -12.05
C GLY A 124 14.48 3.64 -11.31
N HIS A 125 14.28 4.38 -10.21
CA HIS A 125 13.14 4.18 -9.30
C HIS A 125 11.86 4.91 -9.74
N HIS A 126 10.72 4.22 -9.64
CA HIS A 126 9.43 4.81 -9.94
C HIS A 126 8.49 4.49 -8.79
N LEU A 127 8.07 5.51 -8.04
CA LEU A 127 7.12 5.31 -6.95
C LEU A 127 5.80 4.80 -7.52
N VAL A 128 5.36 3.63 -7.06
CA VAL A 128 4.08 3.11 -7.53
C VAL A 128 2.97 3.09 -6.46
N GLY A 129 3.33 3.13 -5.19
CA GLY A 129 2.35 3.06 -4.12
C GLY A 129 3.00 3.13 -2.76
N TYR A 130 2.18 3.18 -1.70
CA TYR A 130 2.69 3.27 -0.35
C TYR A 130 1.61 2.82 0.61
N PHE A 131 2.00 2.50 1.84
CA PHE A 131 1.03 2.49 2.92
C PHE A 131 1.61 3.26 4.08
N SER A 132 0.76 3.95 4.81
CA SER A 132 1.19 4.62 6.02
C SER A 132 0.80 3.74 7.19
N LYS A 133 1.39 4.01 8.35
CA LYS A 133 1.13 3.23 9.53
C LYS A 133 1.37 4.14 10.73
N GLU A 134 0.50 4.10 11.72
CA GLU A 134 0.70 4.92 12.91
C GLU A 134 1.89 4.38 13.68
N LYS A 135 2.76 5.28 14.12
CA LYS A 135 3.87 4.85 14.98
C LYS A 135 3.32 4.13 16.22
N GLU A 136 2.21 4.63 16.75
CA GLU A 136 1.57 3.98 17.90
C GLU A 136 0.06 3.89 17.68
N SER A 137 -0.45 2.69 17.42
CA SER A 137 -1.89 2.55 17.19
C SER A 137 -2.61 1.93 18.38
N ALA A 138 -3.60 2.62 18.91
CA ALA A 138 -4.33 2.10 20.06
C ALA A 138 -5.08 0.83 19.70
N ASP A 139 -5.49 0.71 18.43
CA ASP A 139 -6.26 -0.44 18.00
C ASP A 139 -5.38 -1.51 17.33
N GLY A 140 -4.07 -1.28 17.31
CA GLY A 140 -3.15 -2.23 16.70
C GLY A 140 -3.28 -2.36 15.19
N TYR A 141 -3.74 -1.31 14.51
CA TYR A 141 -3.83 -1.33 13.06
C TYR A 141 -2.41 -1.37 12.45
N ASN A 142 -2.19 -2.26 11.49
CA ASN A 142 -0.86 -2.37 10.88
C ASN A 142 -0.72 -1.58 9.56
N VAL A 143 -1.84 -0.96 9.15
CA VAL A 143 -1.89 -0.03 8.02
C VAL A 143 -2.92 1.06 8.33
N ALA A 144 -2.56 2.33 8.11
CA ALA A 144 -3.50 3.45 8.26
C ALA A 144 -4.20 3.70 6.93
N CYS A 145 -3.42 4.07 5.92
CA CYS A 145 -3.93 4.14 4.57
C CYS A 145 -3.00 3.39 3.62
N ILE A 146 -3.55 2.95 2.48
CA ILE A 146 -2.77 2.25 1.47
C ILE A 146 -3.21 2.75 0.10
N LEU A 147 -2.28 2.91 -0.82
CA LEU A 147 -2.59 3.49 -2.12
C LEU A 147 -1.63 3.00 -3.18
N THR A 148 -2.19 2.58 -4.32
CA THR A 148 -1.43 2.41 -5.55
C THR A 148 -1.83 3.58 -6.48
N LEU A 149 -0.84 4.29 -7.02
CA LEU A 149 -1.17 5.41 -7.91
C LEU A 149 -1.99 4.90 -9.08
N PRO A 150 -2.99 5.68 -9.51
CA PRO A 150 -3.96 5.20 -10.51
C PRO A 150 -3.30 4.67 -11.76
N GLN A 151 -2.22 5.31 -12.21
CA GLN A 151 -1.54 4.87 -13.44
C GLN A 151 -0.95 3.48 -13.32
N TYR A 152 -0.83 3.00 -12.07
CA TYR A 152 -0.27 1.67 -11.82
C TYR A 152 -1.26 0.69 -11.21
N GLN A 153 -2.53 1.08 -11.10
CA GLN A 153 -3.50 0.18 -10.45
C GLN A 153 -3.80 -1.07 -11.28
N ARG A 154 -4.25 -2.13 -10.60
CA ARG A 154 -4.62 -3.37 -11.27
C ARG A 154 -3.43 -4.00 -12.00
N MET A 155 -2.26 -3.90 -11.37
CA MET A 155 -1.05 -4.56 -11.87
C MET A 155 -0.46 -5.49 -10.81
N GLY A 156 -1.12 -5.59 -9.67
CA GLY A 156 -0.66 -6.45 -8.59
C GLY A 156 0.11 -5.74 -7.49
N TYR A 157 0.31 -4.43 -7.64
CA TYR A 157 1.13 -3.70 -6.67
C TYR A 157 0.45 -3.59 -5.31
N GLY A 158 -0.86 -3.36 -5.30
CA GLY A 158 -1.60 -3.27 -4.05
C GLY A 158 -1.38 -4.49 -3.19
N LYS A 159 -1.45 -5.67 -3.80
CA LYS A 159 -1.28 -6.90 -3.05
C LYS A 159 0.14 -7.01 -2.45
N LEU A 160 1.13 -6.51 -3.18
CA LEU A 160 2.50 -6.49 -2.66
C LEU A 160 2.60 -5.57 -1.45
N LEU A 161 1.97 -4.40 -1.53
CA LEU A 161 1.93 -3.48 -0.39
C LEU A 161 1.31 -4.15 0.85
N ILE A 162 0.20 -4.85 0.65
CA ILE A 162 -0.45 -5.52 1.76
C ILE A 162 0.44 -6.63 2.31
N GLU A 163 1.00 -7.44 1.42
CA GLU A 163 1.90 -8.51 1.86
C GLU A 163 3.04 -7.91 2.70
N PHE A 164 3.62 -6.80 2.24
CA PHE A 164 4.72 -6.21 2.97
C PHE A 164 4.28 -5.75 4.34
N SER A 165 3.11 -5.14 4.41
CA SER A 165 2.61 -4.66 5.71
C SER A 165 2.52 -5.80 6.71
N TYR A 166 2.14 -7.00 6.26
CA TYR A 166 2.09 -8.13 7.19
C TYR A 166 3.48 -8.68 7.54
N GLU A 167 4.43 -8.55 6.63
CA GLU A 167 5.79 -8.96 6.95
C GLU A 167 6.37 -8.12 8.11
N LEU A 168 6.01 -6.84 8.18
CA LEU A 168 6.40 -6.01 9.33
C LEU A 168 5.77 -6.52 10.63
N SER A 169 4.46 -6.77 10.60
CA SER A 169 3.75 -7.31 11.77
C SER A 169 4.38 -8.62 12.26
N LYS A 170 4.72 -9.50 11.33
CA LYS A 170 5.34 -10.78 11.70
C LYS A 170 6.66 -10.54 12.42
N LYS A 171 7.47 -9.62 11.89
CA LYS A 171 8.74 -9.25 12.50
C LYS A 171 8.50 -8.63 13.89
N GLU A 172 7.36 -7.97 14.06
CA GLU A 172 6.97 -7.40 15.35
C GLU A 172 6.38 -8.41 16.32
N ASN A 173 6.18 -9.64 15.88
CA ASN A 173 5.55 -10.66 16.74
C ASN A 173 4.16 -10.19 17.18
N LYS A 174 3.43 -9.58 16.24
CA LYS A 174 2.09 -9.04 16.51
C LYS A 174 1.14 -9.42 15.40
N VAL A 175 -0.13 -9.65 15.74
CA VAL A 175 -1.16 -9.65 14.70
C VAL A 175 -1.51 -8.20 14.37
N GLY A 176 -2.10 -8.00 13.20
CA GLY A 176 -2.53 -6.66 12.83
C GLY A 176 -3.62 -6.70 11.78
N SER A 177 -4.30 -5.58 11.59
CA SER A 177 -5.33 -5.47 10.56
C SER A 177 -5.39 -4.01 10.11
N PRO A 178 -5.82 -3.76 8.88
CA PRO A 178 -5.87 -2.37 8.42
C PRO A 178 -6.91 -1.53 9.19
N GLN A 179 -6.64 -0.23 9.29
CA GLN A 179 -7.54 0.72 9.94
C GLN A 179 -8.93 0.67 9.29
N LYS A 180 -9.97 0.65 10.12
CA LYS A 180 -11.37 0.72 9.61
C LYS A 180 -11.94 2.11 9.87
N PRO A 181 -12.93 2.54 9.06
CA PRO A 181 -13.51 1.81 7.94
C PRO A 181 -12.62 1.85 6.72
N LEU A 182 -12.80 0.86 5.86
CA LEU A 182 -11.99 0.66 4.67
C LEU A 182 -12.81 1.03 3.45
N SER A 183 -12.23 1.75 2.49
CA SER A 183 -12.92 2.00 1.24
C SER A 183 -13.31 0.67 0.60
N ASP A 184 -14.25 0.70 -0.35
CA ASP A 184 -14.64 -0.52 -1.04
C ASP A 184 -13.44 -1.15 -1.78
N LEU A 185 -12.66 -0.34 -2.45
CA LEU A 185 -11.49 -0.85 -3.14
C LEU A 185 -10.50 -1.46 -2.16
N GLY A 186 -10.32 -0.83 -1.02
CA GLY A 186 -9.40 -1.33 -0.01
C GLY A 186 -9.87 -2.69 0.51
N LEU A 187 -11.13 -2.76 0.90
CA LEU A 187 -11.66 -3.99 1.50
C LEU A 187 -11.61 -5.16 0.52
N LEU A 188 -11.98 -4.93 -0.74
CA LEU A 188 -11.92 -6.01 -1.73
C LEU A 188 -10.49 -6.50 -1.95
N SER A 189 -9.54 -5.57 -1.92
CA SER A 189 -8.13 -5.97 -2.05
C SER A 189 -7.70 -6.83 -0.86
N TYR A 190 -8.02 -6.39 0.36
CA TYR A 190 -7.73 -7.19 1.54
C TYR A 190 -8.37 -8.58 1.51
N ARG A 191 -9.65 -8.64 1.13
CA ARG A 191 -10.32 -9.93 1.04
C ARG A 191 -9.62 -10.87 0.07
N ALA A 192 -9.17 -10.34 -1.07
CA ALA A 192 -8.45 -11.19 -2.03
C ALA A 192 -7.11 -11.64 -1.44
N TYR A 193 -6.44 -10.74 -0.75
CA TYR A 193 -5.16 -11.07 -0.15
C TYR A 193 -5.32 -12.15 0.93
N TRP A 194 -6.28 -11.94 1.83
CA TRP A 194 -6.54 -12.90 2.89
C TRP A 194 -6.88 -14.26 2.29
N SER A 195 -7.73 -14.26 1.27
CA SER A 195 -8.11 -15.50 0.60
C SER A 195 -6.91 -16.20 -0.06
N ASP A 196 -6.12 -15.48 -0.83
CA ASP A 196 -4.92 -16.07 -1.45
C ASP A 196 -3.97 -16.63 -0.39
N THR A 197 -3.83 -15.90 0.71
CA THR A 197 -2.96 -16.33 1.79
C THR A 197 -3.37 -17.68 2.40
N LEU A 198 -4.64 -17.84 2.78
CA LEU A 198 -5.11 -19.11 3.31
C LEU A 198 -4.99 -20.23 2.27
N ILE A 199 -5.39 -19.94 1.04
CA ILE A 199 -5.27 -20.90 -0.04
C ILE A 199 -3.83 -21.39 -0.23
N THR A 200 -2.88 -20.46 -0.22
CA THR A 200 -1.48 -20.80 -0.42
C THR A 200 -0.95 -21.66 0.74
N LEU A 201 -1.31 -21.27 1.97
CA LEU A 201 -0.91 -22.03 3.15
C LEU A 201 -1.38 -23.48 3.11
N LEU A 202 -2.61 -23.69 2.67
CA LEU A 202 -3.21 -25.02 2.66
C LEU A 202 -2.54 -25.93 1.64
N VAL A 203 -2.07 -25.36 0.54
CA VAL A 203 -1.39 -26.17 -0.46
C VAL A 203 0.09 -26.36 -0.13
N GLU A 204 0.78 -25.31 0.29
CA GLU A 204 2.23 -25.37 0.46
C GLU A 204 2.72 -25.74 1.86
N HIS A 205 1.86 -25.61 2.87
CA HIS A 205 2.30 -25.90 4.23
C HIS A 205 1.64 -27.16 4.79
N GLN A 206 0.32 -27.13 4.94
CA GLN A 206 -0.36 -28.19 5.65
C GLN A 206 -1.82 -28.26 5.24
N LYS A 207 -2.34 -29.47 5.07
CA LYS A 207 -3.70 -29.66 4.56
C LYS A 207 -4.75 -29.24 5.57
N GLU A 208 -4.36 -29.19 6.85
CA GLU A 208 -5.23 -28.76 7.93
C GLU A 208 -4.40 -27.88 8.88
N ILE A 209 -4.92 -26.70 9.24
CA ILE A 209 -4.17 -25.71 10.02
C ILE A 209 -5.09 -25.05 11.03
N THR A 210 -4.67 -24.99 12.30
CA THR A 210 -5.48 -24.35 13.32
C THR A 210 -5.50 -22.83 13.13
N ILE A 211 -6.52 -22.19 13.69
CA ILE A 211 -6.64 -20.74 13.56
C ILE A 211 -5.42 -20.05 14.15
N ASP A 212 -4.88 -20.60 15.23
CA ASP A 212 -3.73 -19.97 15.87
C ASP A 212 -2.40 -20.23 15.15
N GLU A 213 -2.28 -21.34 14.43
CA GLU A 213 -1.14 -21.55 13.55
C GLU A 213 -1.19 -20.54 12.39
N ILE A 214 -2.38 -20.34 11.84
CA ILE A 214 -2.53 -19.39 10.75
C ILE A 214 -2.10 -18.01 11.24
N SER A 215 -2.60 -17.62 12.39
CA SER A 215 -2.31 -16.31 12.97
C SER A 215 -0.81 -16.14 13.21
N SER A 216 -0.17 -17.16 13.76
CA SER A 216 1.28 -17.12 13.96
C SER A 216 2.04 -16.99 12.63
N MET A 217 1.55 -17.67 11.60
CA MET A 217 2.30 -17.68 10.34
C MET A 217 2.08 -16.44 9.48
N THR A 218 0.95 -15.76 9.67
CA THR A 218 0.55 -14.71 8.74
C THR A 218 0.38 -13.34 9.40
N SER A 219 0.31 -13.32 10.73
CA SER A 219 -0.05 -12.11 11.47
C SER A 219 -1.48 -11.59 11.18
N MET A 220 -2.32 -12.38 10.53
CA MET A 220 -3.73 -12.03 10.39
C MET A 220 -4.45 -12.20 11.74
N THR A 221 -5.44 -11.35 12.00
CA THR A 221 -6.21 -11.46 13.23
C THR A 221 -7.18 -12.62 13.13
N THR A 222 -7.58 -13.15 14.28
CA THR A 222 -8.59 -14.19 14.37
C THR A 222 -9.82 -13.82 13.54
N THR A 223 -10.29 -12.59 13.68
CA THR A 223 -11.48 -12.12 12.97
C THR A 223 -11.34 -12.20 11.46
N ASP A 224 -10.22 -11.70 10.93
CA ASP A 224 -10.01 -11.70 9.49
C ASP A 224 -9.86 -13.12 8.97
N ILE A 225 -9.20 -13.96 9.76
CA ILE A 225 -9.06 -15.37 9.38
C ILE A 225 -10.44 -16.05 9.33
N LEU A 226 -11.23 -15.89 10.39
CA LEU A 226 -12.54 -16.53 10.45
C LEU A 226 -13.46 -16.06 9.32
N HIS A 227 -13.54 -14.75 9.11
CA HIS A 227 -14.36 -14.21 8.03
CA HIS A 227 -14.36 -14.21 8.03
C HIS A 227 -13.96 -14.80 6.68
N THR A 228 -12.66 -14.90 6.45
CA THR A 228 -12.15 -15.42 5.19
C THR A 228 -12.44 -16.91 5.06
N ALA A 229 -12.24 -17.65 6.15
CA ALA A 229 -12.46 -19.10 6.12
C ALA A 229 -13.92 -19.42 5.83
N LYS A 230 -14.82 -18.62 6.41
CA LYS A 230 -16.25 -18.83 6.20
C LYS A 230 -16.63 -18.53 4.76
N THR A 231 -16.05 -17.48 4.20
CA THR A 231 -16.32 -17.15 2.80
C THR A 231 -15.89 -18.29 1.88
N LEU A 232 -14.76 -18.91 2.21
CA LEU A 232 -14.24 -20.02 1.39
C LEU A 232 -14.88 -21.36 1.74
N ASN A 233 -15.74 -21.38 2.77
CA ASN A 233 -16.35 -22.63 3.26
C ASN A 233 -15.32 -23.64 3.73
N ILE A 234 -14.28 -23.20 4.42
CA ILE A 234 -13.21 -24.12 4.84
C ILE A 234 -12.99 -24.16 6.35
N LEU A 235 -14.02 -23.78 7.11
CA LEU A 235 -13.93 -23.81 8.56
C LEU A 235 -14.45 -25.14 9.09
N ARG A 236 -13.62 -25.85 9.86
CA ARG A 236 -14.03 -27.09 10.50
C ARG A 236 -13.51 -27.21 11.92
N TYR A 237 -13.95 -28.27 12.59
CA TYR A 237 -13.45 -28.66 13.91
C TYR A 237 -12.79 -30.03 13.77
N TYR A 238 -11.55 -30.12 14.24
CA TYR A 238 -10.77 -31.35 14.11
C TYR A 238 -9.75 -31.41 15.24
N LYS A 239 -9.59 -32.58 15.84
CA LYS A 239 -8.76 -32.75 17.03
C LYS A 239 -8.95 -31.64 18.05
N GLY A 240 -10.21 -31.27 18.31
CA GLY A 240 -10.51 -30.41 19.43
C GLY A 240 -10.31 -28.92 19.21
N GLN A 241 -10.03 -28.51 17.97
CA GLN A 241 -10.02 -27.08 17.67
C GLN A 241 -10.45 -26.73 16.25
N HIS A 242 -10.75 -25.46 16.04
CA HIS A 242 -11.12 -24.98 14.72
C HIS A 242 -9.91 -24.93 13.81
N ILE A 243 -10.13 -25.42 12.59
CA ILE A 243 -9.10 -25.42 11.58
C ILE A 243 -9.68 -24.92 10.26
N ILE A 244 -8.79 -24.66 9.30
CA ILE A 244 -9.20 -24.58 7.91
C ILE A 244 -8.65 -25.83 7.25
N PHE A 245 -9.31 -26.29 6.20
CA PHE A 245 -8.88 -27.52 5.58
C PHE A 245 -8.84 -27.35 4.06
N LEU A 246 -8.04 -28.19 3.42
CA LEU A 246 -7.90 -28.18 1.97
C LEU A 246 -8.99 -29.02 1.34
N ASN A 247 -9.51 -28.57 0.20
CA ASN A 247 -10.44 -29.35 -0.61
C ASN A 247 -10.15 -29.10 -2.08
N GLU A 248 -10.95 -29.67 -2.98
CA GLU A 248 -10.64 -29.58 -4.40
C GLU A 248 -10.79 -28.15 -4.92
N ASP A 249 -11.79 -27.44 -4.42
CA ASP A 249 -11.98 -26.02 -4.73
C ASP A 249 -10.72 -25.21 -4.40
N ILE A 250 -10.23 -25.34 -3.18
CA ILE A 250 -9.00 -24.66 -2.78
C ILE A 250 -7.85 -25.02 -3.72
N LEU A 251 -7.68 -26.30 -4.01
CA LEU A 251 -6.60 -26.75 -4.88
C LEU A 251 -6.73 -26.09 -6.25
N ASP A 252 -7.96 -26.01 -6.75
CA ASP A 252 -8.19 -25.39 -8.06
C ASP A 252 -7.85 -23.91 -8.01
N ARG A 253 -8.33 -23.23 -6.97
CA ARG A 253 -8.03 -21.80 -6.80
C ARG A 253 -6.53 -21.57 -6.76
N TYR A 254 -5.81 -22.44 -6.05
CA TYR A 254 -4.36 -22.32 -5.95
C TYR A 254 -3.71 -22.42 -7.33
N ASN A 255 -4.10 -23.43 -8.09
CA ASN A 255 -3.57 -23.60 -9.45
C ASN A 255 -3.87 -22.41 -10.33
N ARG A 256 -5.07 -21.85 -10.23
CA ARG A 256 -5.38 -20.63 -10.98
C ARG A 256 -4.53 -19.47 -10.50
N LEU A 257 -4.25 -19.45 -9.21
CA LEU A 257 -3.40 -18.42 -8.64
C LEU A 257 -1.99 -18.52 -9.22
N LYS A 258 -1.39 -19.69 -9.12
CA LYS A 258 -0.04 -19.91 -9.64
C LYS A 258 0.05 -19.59 -11.13
N ALA A 259 -0.97 -19.99 -11.88
CA ALA A 259 -1.00 -19.77 -13.32
C ALA A 259 -0.75 -18.31 -13.67
N LYS A 260 -1.09 -17.40 -12.76
CA LYS A 260 -0.97 -15.98 -13.05
C LYS A 260 0.46 -15.47 -12.93
N LYS A 261 1.33 -16.29 -12.34
CA LYS A 261 2.74 -15.95 -12.25
C LYS A 261 3.00 -14.58 -11.61
N ARG A 262 2.29 -14.27 -10.52
CA ARG A 262 2.41 -12.97 -9.85
C ARG A 262 3.66 -12.91 -8.95
N ARG A 263 4.23 -11.72 -8.80
CA ARG A 263 5.35 -11.51 -7.88
C ARG A 263 4.87 -11.49 -6.45
N THR A 264 5.71 -11.98 -5.54
CA THR A 264 5.43 -11.87 -4.11
C THR A 264 6.62 -11.29 -3.36
N ILE A 265 6.39 -10.96 -2.09
CA ILE A 265 7.43 -10.44 -1.21
C ILE A 265 8.25 -11.60 -0.65
N ASP A 266 9.58 -11.49 -0.69
CA ASP A 266 10.45 -12.48 -0.05
C ASP A 266 10.84 -12.02 1.34
N PRO A 267 10.31 -12.68 2.38
CA PRO A 267 10.57 -12.23 3.75
C PRO A 267 12.04 -12.18 4.09
N ASN A 268 12.85 -13.00 3.41
CA ASN A 268 14.28 -13.06 3.74
C ASN A 268 15.01 -11.78 3.35
N ARG A 269 14.38 -10.98 2.49
CA ARG A 269 14.97 -9.74 2.01
C ARG A 269 14.59 -8.49 2.81
N LEU A 270 13.70 -8.66 3.78
CA LEU A 270 13.35 -7.58 4.69
C LEU A 270 14.42 -7.46 5.76
N ILE A 271 15.20 -6.39 5.70
CA ILE A 271 16.27 -6.14 6.66
C ILE A 271 15.79 -5.03 7.57
N TRP A 272 15.23 -5.40 8.72
CA TRP A 272 14.46 -4.46 9.54
C TRP A 272 14.24 -5.01 10.94
N LYS A 273 14.37 -4.13 11.93
CA LYS A 273 14.08 -4.47 13.31
C LYS A 273 13.03 -3.48 13.82
N PRO A 274 12.05 -3.98 14.59
CA PRO A 274 11.08 -3.10 15.22
C PRO A 274 11.81 -2.14 16.15
N PRO A 275 11.23 -0.95 16.41
CA PRO A 275 11.84 0.11 17.22
C PRO A 275 12.35 -0.36 18.59
N VAL A 276 11.57 -1.21 19.27
CA VAL A 276 12.04 -1.77 20.54
C VAL A 276 12.84 -0.76 21.37
N1A COA B . -3.76 -8.17 -15.19
C2A COA B . -5.08 -8.00 -14.96
N3A COA B . -5.56 -7.74 -13.72
C4A COA B . -4.72 -7.63 -12.65
C5A COA B . -3.35 -7.79 -12.82
C6A COA B . -2.86 -8.08 -14.20
N6A COA B . -1.53 -8.25 -14.44
N7A COA B . -2.76 -7.62 -11.61
C8A COA B . -3.76 -7.37 -10.71
N9A COA B . -4.94 -7.37 -11.35
C1B COA B . -6.29 -7.15 -10.78
C2B COA B . -6.54 -8.04 -9.57
O2B COA B . -6.87 -9.38 -9.97
C3B COA B . -7.68 -7.29 -8.89
O3B COA B . -8.88 -7.46 -9.65
P3B COA B . -10.36 -7.63 -8.99
O7A COA B . -11.35 -7.63 -10.15
O8A COA B . -10.60 -6.47 -8.05
O9A COA B . -10.16 -9.00 -8.33
C4B COA B . -7.30 -5.82 -9.11
O4B COA B . -6.48 -5.81 -10.30
C5B COA B . -6.56 -5.15 -7.94
O5B COA B . -5.42 -5.87 -7.44
P1A COA B . -4.02 -5.09 -7.27
O1A COA B . -3.60 -4.67 -8.64
O2A COA B . -3.14 -5.90 -6.37
O3A COA B . -4.40 -3.76 -6.42
P2A COA B . -4.08 -2.23 -6.86
O4A COA B . -4.99 -1.84 -7.99
O5A COA B . -2.58 -2.10 -7.05
O6A COA B . -4.42 -1.45 -5.51
CBP COA B . -5.83 -0.35 -3.98
CCP COA B . -5.61 -1.66 -4.75
CDP COA B . -6.94 -0.47 -2.95
CEP COA B . -4.52 -0.01 -3.28
CAP COA B . -6.20 0.69 -5.03
OAP COA B . -7.51 0.41 -5.51
C9P COA B . -6.19 2.10 -4.48
O9P COA B . -5.04 2.73 -4.30
N8P COA B . -7.36 2.70 -4.22
C7P COA B . -7.57 4.06 -3.71
C6P COA B . -6.98 4.17 -2.30
C5P COA B . -7.83 3.46 -1.26
O5P COA B . -9.06 3.42 -1.37
N4P COA B . -7.21 2.92 -0.20
C3P COA B . -7.90 2.23 0.90
C2P COA B . -7.12 2.47 2.20
S1P COA B . -7.33 4.16 2.84
C1 EDO C . 7.10 22.72 8.96
O1 EDO C . 8.04 21.88 8.27
C2 EDO C . 7.18 22.49 10.47
O2 EDO C . 5.97 21.88 10.94
C1 EDO D . 4.59 20.81 1.38
O1 EDO D . 4.85 21.10 0.00
C2 EDO D . 3.09 20.83 1.59
O2 EDO D . 2.57 22.03 0.99
S SO4 E . 20.02 2.48 -8.32
O1 SO4 E . 18.86 1.66 -7.93
O2 SO4 E . 19.71 3.13 -9.59
O3 SO4 E . 21.19 1.59 -8.47
O4 SO4 E . 20.34 3.49 -7.31
S SO4 F . -10.09 -22.88 18.71
O1 SO4 F . -10.75 -21.99 19.69
O2 SO4 F . -9.70 -22.09 17.54
O3 SO4 F . -8.88 -23.48 19.30
O4 SO4 F . -11.03 -23.94 18.35
C1 EDO G . 11.10 20.52 9.58
O1 EDO G . 9.89 21.29 9.68
C2 EDO G . 11.02 19.99 8.17
O2 EDO G . 10.24 20.98 7.49
AS CAD H . -5.46 7.76 7.19
C1 CAD H . -4.36 8.29 8.73
C2 CAD H . -6.94 9.03 6.97
#